data_2Z7S
#
_entry.id   2Z7S
#
_cell.length_a   51.641
_cell.length_b   52.996
_cell.length_c   119.304
_cell.angle_alpha   90
_cell.angle_beta   90
_cell.angle_gamma   90
#
_symmetry.space_group_name_H-M   'P 21 21 21'
#
loop_
_entity.id
_entity.type
_entity.pdbx_description
1 polymer 'Ribosomal protein S6 kinase alpha-1'
2 non-polymer 2-({6-[(3-CHLOROPHENYL)AMINO]-9-ISOPROPYL-9H-PURIN-2-YL}AMINO)-3-METHYLBUTAN-1-OL
3 water water
#
_entity_poly.entity_id   1
_entity_poly.type   'polypeptide(L)'
_entity_poly.pdbx_seq_one_letter_code
;QPSKDEGVLKEISITHHVKAGSEKADPSHFELLKVLGQGSFGKVFLVRKVTRPDSGHLYAMKVLKKATLKVRDRVRTKME
RDILADVNHPFVVKLHYAFQTEGKLYLILDFLRGGDLFTRLSKEVMFTEEDVKFYLAELALGLDHLHSLGIIYRDLKPEN
ILLDEEGHIKLTDFGLSKEAIDHEKKAYSFCGTVEYMAPEVVNRQGHSHSADWWSYGVLMFEMLTGSLPFQGKDRKETMT
LILKAKLGMPQFLSTEAQSLLRALFKRNPANRLGSGPDGAEEIKRHVFYSTIDWNKLYRREIKPPFKPAVAQPDDTFYFD
T
;
_entity_poly.pdbx_strand_id   A
#
# COMPACT_ATOMS: atom_id res chain seq x y z
N LYS A 24 -22.33 -3.37 -23.64
CA LYS A 24 -20.95 -3.28 -23.09
C LYS A 24 -20.74 -1.97 -22.33
N ALA A 25 -19.75 -1.98 -21.44
CA ALA A 25 -19.41 -0.81 -20.61
C ALA A 25 -19.46 0.48 -21.41
N ASP A 26 -19.73 1.58 -20.71
CA ASP A 26 -19.84 2.88 -21.35
C ASP A 26 -20.00 3.95 -20.26
N PRO A 27 -19.38 5.12 -20.43
CA PRO A 27 -19.49 6.18 -19.43
C PRO A 27 -20.93 6.53 -19.04
N SER A 28 -21.87 6.34 -19.97
CA SER A 28 -23.27 6.65 -19.70
C SER A 28 -23.86 5.67 -18.70
N HIS A 29 -23.20 4.53 -18.48
CA HIS A 29 -23.70 3.54 -17.54
C HIS A 29 -23.45 3.89 -16.08
N PHE A 30 -22.75 4.98 -15.84
CA PHE A 30 -22.42 5.39 -14.47
C PHE A 30 -22.76 6.84 -14.20
N GLU A 31 -23.56 7.09 -13.17
CA GLU A 31 -23.87 8.46 -12.84
C GLU A 31 -22.89 8.94 -11.78
N LEU A 32 -22.38 10.15 -11.96
CA LEU A 32 -21.41 10.72 -11.03
C LEU A 32 -22.08 11.11 -9.72
N LEU A 33 -21.53 10.64 -8.61
CA LEU A 33 -22.11 10.99 -7.31
C LEU A 33 -21.37 12.17 -6.71
N LYS A 34 -20.04 12.10 -6.75
CA LYS A 34 -19.20 13.17 -6.22
C LYS A 34 -17.74 12.86 -6.54
N VAL A 35 -16.90 13.90 -6.51
CA VAL A 35 -15.48 13.73 -6.79
C VAL A 35 -14.79 13.45 -5.46
N LEU A 36 -14.21 12.26 -5.35
CA LEU A 36 -13.53 11.85 -4.14
C LEU A 36 -12.30 12.71 -3.85
N GLY A 37 -11.57 13.08 -4.90
CA GLY A 37 -10.38 13.90 -4.73
C GLY A 37 -9.58 14.01 -6.03
N GLN A 38 -8.79 15.08 -6.16
CA GLN A 38 -7.95 15.30 -7.33
C GLN A 38 -6.93 14.18 -7.35
N GLY A 39 -6.40 13.85 -8.51
CA GLY A 39 -5.50 12.73 -8.48
C GLY A 39 -4.09 12.83 -8.91
N SER A 40 -3.38 11.88 -8.36
CA SER A 40 -2.00 11.76 -8.63
C SER A 40 -1.98 10.63 -9.63
N PHE A 41 -3.14 10.40 -10.23
CA PHE A 41 -3.37 9.33 -11.19
C PHE A 41 -4.63 9.74 -11.99
N GLY A 42 -4.93 11.03 -12.06
CA GLY A 42 -6.15 11.43 -12.74
C GLY A 42 -7.18 11.88 -11.71
N LYS A 43 -8.47 11.83 -12.01
CA LYS A 43 -9.44 12.23 -11.01
C LYS A 43 -10.26 11.00 -10.64
N VAL A 44 -10.54 10.83 -9.34
CA VAL A 44 -11.30 9.68 -8.89
C VAL A 44 -12.69 10.08 -8.43
N PHE A 45 -13.70 9.59 -9.13
CA PHE A 45 -15.09 9.90 -8.80
C PHE A 45 -15.79 8.74 -8.14
N LEU A 46 -16.81 9.06 -7.36
CA LEU A 46 -17.64 8.05 -6.72
C LEU A 46 -18.78 7.92 -7.71
N VAL A 47 -18.95 6.76 -8.32
CA VAL A 47 -20.03 6.58 -9.27
C VAL A 47 -20.96 5.45 -8.87
N ARG A 48 -22.18 5.50 -9.40
CA ARG A 48 -23.17 4.47 -9.14
C ARG A 48 -23.58 3.91 -10.49
N LYS A 49 -23.34 2.61 -10.68
CA LYS A 49 -23.69 1.95 -11.92
C LYS A 49 -25.21 2.07 -12.13
N VAL A 50 -25.64 2.34 -13.36
CA VAL A 50 -27.06 2.48 -13.66
C VAL A 50 -27.62 1.31 -14.47
N THR A 51 -26.74 0.54 -15.07
CA THR A 51 -27.13 -0.59 -15.89
C THR A 51 -27.11 -1.90 -15.10
N ARG A 52 -27.94 -2.85 -15.52
CA ARG A 52 -28.01 -4.16 -14.87
C ARG A 52 -26.67 -4.78 -15.25
N PRO A 53 -26.24 -5.82 -14.53
CA PRO A 53 -26.90 -6.48 -13.40
C PRO A 53 -26.56 -5.84 -12.05
N ASP A 54 -25.50 -5.04 -12.03
CA ASP A 54 -25.05 -4.40 -10.80
C ASP A 54 -25.60 -2.99 -10.65
N SER A 55 -26.81 -2.80 -11.17
CA SER A 55 -27.47 -1.50 -11.08
C SER A 55 -27.55 -1.07 -9.62
N GLY A 56 -27.09 0.14 -9.33
CA GLY A 56 -27.13 0.63 -7.97
C GLY A 56 -25.82 0.47 -7.23
N HIS A 57 -24.96 -0.43 -7.71
CA HIS A 57 -23.67 -0.65 -7.07
C HIS A 57 -22.73 0.55 -7.18
N LEU A 58 -22.11 0.90 -6.06
CA LEU A 58 -21.19 2.01 -6.01
C LEU A 58 -19.80 1.56 -6.47
N TYR A 59 -19.11 2.42 -7.21
CA TYR A 59 -17.76 2.11 -7.69
C TYR A 59 -16.94 3.38 -7.67
N ALA A 60 -15.62 3.21 -7.71
CA ALA A 60 -14.72 4.36 -7.77
C ALA A 60 -14.30 4.43 -9.23
N MET A 61 -14.48 5.59 -9.84
CA MET A 61 -14.11 5.73 -11.24
C MET A 61 -12.90 6.61 -11.41
N LYS A 62 -11.96 6.11 -12.19
CA LYS A 62 -10.72 6.80 -12.48
C LYS A 62 -10.68 7.13 -13.98
N VAL A 63 -10.42 8.39 -14.32
CA VAL A 63 -10.36 8.78 -15.72
C VAL A 63 -8.94 9.22 -16.11
N LEU A 64 -8.41 8.59 -17.16
CA LEU A 64 -7.06 8.89 -17.63
C LEU A 64 -7.08 9.42 -19.06
N LYS A 65 -6.16 10.33 -19.36
CA LYS A 65 -6.09 10.94 -20.68
C LYS A 65 -4.94 10.36 -21.50
N ILE A 83 2.28 -2.32 -16.32
CA ILE A 83 1.06 -1.51 -16.38
C ILE A 83 -0.21 -2.33 -16.10
N LEU A 84 -0.05 -3.49 -15.48
CA LEU A 84 -1.18 -4.35 -15.16
C LEU A 84 -2.13 -3.71 -14.17
N ALA A 85 -3.43 -3.87 -14.43
CA ALA A 85 -4.45 -3.31 -13.56
C ALA A 85 -5.42 -4.37 -13.08
N ASP A 86 -5.41 -5.52 -13.75
CA ASP A 86 -6.31 -6.62 -13.38
C ASP A 86 -5.64 -7.66 -12.50
N VAL A 87 -5.84 -7.52 -11.20
CA VAL A 87 -5.27 -8.44 -10.20
C VAL A 87 -6.41 -8.92 -9.31
N ASN A 88 -6.39 -10.20 -8.95
CA ASN A 88 -7.42 -10.77 -8.10
C ASN A 88 -6.75 -11.21 -6.79
N HIS A 89 -7.06 -10.51 -5.71
CA HIS A 89 -6.48 -10.83 -4.42
C HIS A 89 -7.26 -10.07 -3.35
N PRO A 90 -7.54 -10.74 -2.23
CA PRO A 90 -8.30 -10.11 -1.14
C PRO A 90 -7.80 -8.74 -0.69
N PHE A 91 -6.51 -8.48 -0.86
CA PHE A 91 -5.97 -7.20 -0.40
C PHE A 91 -5.48 -6.24 -1.49
N VAL A 92 -5.97 -6.46 -2.71
CA VAL A 92 -5.64 -5.62 -3.85
C VAL A 92 -6.94 -5.16 -4.48
N VAL A 93 -7.03 -3.88 -4.81
CA VAL A 93 -8.26 -3.35 -5.39
C VAL A 93 -8.59 -4.03 -6.72
N LYS A 94 -9.86 -4.42 -6.85
CA LYS A 94 -10.37 -5.10 -8.02
C LYS A 94 -10.81 -4.13 -9.13
N LEU A 95 -10.48 -4.48 -10.37
CA LEU A 95 -10.88 -3.68 -11.53
C LEU A 95 -12.14 -4.34 -12.08
N HIS A 96 -13.22 -3.58 -12.15
CA HIS A 96 -14.48 -4.16 -12.64
C HIS A 96 -14.73 -3.88 -14.11
N TYR A 97 -14.49 -2.65 -14.54
CA TYR A 97 -14.69 -2.30 -15.93
C TYR A 97 -13.59 -1.39 -16.42
N ALA A 98 -13.27 -1.51 -17.70
CA ALA A 98 -12.24 -0.71 -18.32
C ALA A 98 -12.63 -0.49 -19.77
N PHE A 99 -12.82 0.76 -20.14
CA PHE A 99 -13.20 1.12 -21.50
C PHE A 99 -12.57 2.45 -21.92
N GLN A 100 -12.15 2.52 -23.17
CA GLN A 100 -11.52 3.72 -23.69
C GLN A 100 -12.56 4.58 -24.42
N THR A 101 -12.47 5.90 -24.23
CA THR A 101 -13.39 6.82 -24.86
C THR A 101 -12.70 8.09 -25.31
N GLU A 102 -12.29 8.10 -26.58
CA GLU A 102 -11.62 9.25 -27.17
C GLU A 102 -10.61 9.92 -26.24
N GLY A 103 -9.42 9.31 -26.14
CA GLY A 103 -8.38 9.87 -25.30
C GLY A 103 -8.52 9.57 -23.82
N LYS A 104 -9.73 9.26 -23.38
CA LYS A 104 -9.95 8.96 -21.97
C LYS A 104 -10.06 7.46 -21.70
N LEU A 105 -9.29 7.00 -20.72
CA LEU A 105 -9.30 5.59 -20.34
C LEU A 105 -10.06 5.54 -19.00
N TYR A 106 -11.22 4.90 -19.00
CA TYR A 106 -12.02 4.80 -17.78
C TYR A 106 -11.73 3.49 -17.05
N LEU A 107 -11.49 3.59 -15.75
CA LEU A 107 -11.23 2.43 -14.91
C LEU A 107 -12.29 2.43 -13.81
N ILE A 108 -13.07 1.36 -13.73
CA ILE A 108 -14.12 1.24 -12.73
C ILE A 108 -13.62 0.24 -11.70
N LEU A 109 -13.30 0.72 -10.50
CA LEU A 109 -12.77 -0.15 -9.46
C LEU A 109 -13.62 -0.15 -8.21
N ASP A 110 -13.24 -0.99 -7.26
CA ASP A 110 -13.96 -1.07 -5.99
C ASP A 110 -13.95 0.30 -5.37
N PHE A 111 -15.02 0.61 -4.66
CA PHE A 111 -15.10 1.85 -3.92
C PHE A 111 -14.81 1.35 -2.50
N LEU A 112 -13.77 1.87 -1.86
CA LEU A 112 -13.46 1.43 -0.51
C LEU A 112 -13.98 2.46 0.48
N ARG A 113 -15.09 2.14 1.13
CA ARG A 113 -15.73 3.04 2.08
C ARG A 113 -14.86 3.61 3.19
N GLY A 114 -14.00 2.78 3.77
CA GLY A 114 -13.16 3.22 4.87
C GLY A 114 -12.13 4.31 4.63
N GLY A 115 -11.88 4.67 3.37
CA GLY A 115 -10.89 5.70 3.11
C GLY A 115 -9.49 5.11 3.16
N ASP A 116 -8.47 5.96 3.27
CA ASP A 116 -7.09 5.49 3.30
C ASP A 116 -6.43 5.51 4.67
N LEU A 117 -5.31 4.80 4.79
CA LEU A 117 -4.57 4.74 6.04
C LEU A 117 -3.91 6.07 6.40
N PHE A 118 -3.63 6.90 5.39
CA PHE A 118 -3.01 8.18 5.68
C PHE A 118 -3.98 9.06 6.45
N THR A 119 -5.22 9.06 6.01
CA THR A 119 -6.24 9.85 6.66
C THR A 119 -6.42 9.37 8.09
N ARG A 120 -6.52 8.06 8.28
CA ARG A 120 -6.70 7.53 9.63
C ARG A 120 -5.47 7.87 10.48
N LEU A 121 -4.29 7.74 9.89
CA LEU A 121 -3.06 8.03 10.62
C LEU A 121 -3.01 9.48 11.08
N SER A 122 -3.42 10.40 10.22
CA SER A 122 -3.36 11.81 10.59
C SER A 122 -4.26 12.10 11.78
N LYS A 123 -5.46 11.55 11.74
CA LYS A 123 -6.42 11.74 12.82
C LYS A 123 -5.97 11.09 14.13
N GLU A 124 -5.39 9.90 14.05
CA GLU A 124 -4.98 9.17 15.25
C GLU A 124 -3.49 9.26 15.55
N VAL A 125 -2.79 9.82 14.58
CA VAL A 125 -1.39 10.17 14.66
C VAL A 125 -0.42 9.05 15.00
N MET A 126 -0.96 7.83 15.13
CA MET A 126 -0.12 6.63 15.49
C MET A 126 -1.09 5.50 15.95
N PHE A 127 -0.79 4.28 15.53
CA PHE A 127 -1.56 3.06 15.83
C PHE A 127 -0.81 2.19 16.83
N THR A 128 -1.54 1.32 17.51
CA THR A 128 -0.93 0.41 18.47
C THR A 128 -0.24 -0.68 17.65
N GLU A 129 0.68 -1.40 18.26
CA GLU A 129 1.37 -2.46 17.52
C GLU A 129 0.35 -3.46 17.01
N GLU A 130 -0.71 -3.68 17.77
CA GLU A 130 -1.78 -4.59 17.39
C GLU A 130 -2.34 -4.18 16.04
N ASP A 131 -2.74 -2.91 15.93
CA ASP A 131 -3.28 -2.41 14.68
C ASP A 131 -2.25 -2.50 13.56
N VAL A 132 -1.01 -2.17 13.89
CA VAL A 132 0.06 -2.18 12.90
C VAL A 132 0.39 -3.57 12.40
N LYS A 133 0.47 -4.53 13.31
CA LYS A 133 0.76 -5.91 12.94
C LYS A 133 -0.28 -6.39 11.94
N PHE A 134 -1.54 -6.05 12.20
CA PHE A 134 -2.64 -6.44 11.33
C PHE A 134 -2.57 -5.85 9.92
N TYR A 135 -2.43 -4.54 9.82
CA TYR A 135 -2.35 -3.89 8.52
C TYR A 135 -1.16 -4.37 7.72
N LEU A 136 -0.02 -4.51 8.40
CA LEU A 136 1.22 -4.94 7.75
C LEU A 136 1.18 -6.39 7.29
N ALA A 137 0.45 -7.22 8.03
CA ALA A 137 0.35 -8.62 7.65
C ALA A 137 -0.47 -8.72 6.37
N GLU A 138 -1.61 -8.05 6.32
CA GLU A 138 -2.44 -8.09 5.12
C GLU A 138 -1.67 -7.43 3.98
N LEU A 139 -0.92 -6.37 4.30
CA LEU A 139 -0.15 -5.71 3.27
C LEU A 139 0.94 -6.67 2.77
N ALA A 140 1.51 -7.43 3.70
CA ALA A 140 2.56 -8.40 3.37
C ALA A 140 2.03 -9.34 2.28
N LEU A 141 0.82 -9.87 2.49
CA LEU A 141 0.22 -10.77 1.52
C LEU A 141 -0.02 -10.05 0.20
N GLY A 142 -0.68 -8.90 0.24
CA GLY A 142 -0.95 -8.17 -0.97
C GLY A 142 0.32 -7.87 -1.77
N LEU A 143 1.31 -7.35 -1.08
CA LEU A 143 2.59 -7.01 -1.68
C LEU A 143 3.26 -8.19 -2.35
N ASP A 144 3.40 -9.29 -1.62
CA ASP A 144 4.05 -10.46 -2.17
C ASP A 144 3.37 -10.93 -3.44
N HIS A 145 2.03 -10.89 -3.46
CA HIS A 145 1.30 -11.30 -4.64
C HIS A 145 1.66 -10.40 -5.82
N LEU A 146 1.65 -9.10 -5.60
CA LEU A 146 1.99 -8.18 -6.68
C LEU A 146 3.39 -8.51 -7.19
N HIS A 147 4.28 -8.89 -6.27
CA HIS A 147 5.65 -9.25 -6.63
C HIS A 147 5.68 -10.51 -7.50
N SER A 148 4.77 -11.44 -7.24
CA SER A 148 4.72 -12.67 -8.01
C SER A 148 4.29 -12.37 -9.44
N LEU A 149 3.41 -11.39 -9.60
CA LEU A 149 2.94 -10.99 -10.92
C LEU A 149 4.06 -10.20 -11.59
N GLY A 150 5.15 -10.00 -10.88
CA GLY A 150 6.26 -9.25 -11.44
C GLY A 150 6.02 -7.75 -11.37
N ILE A 151 5.20 -7.34 -10.41
CA ILE A 151 4.89 -5.92 -10.24
C ILE A 151 5.67 -5.36 -9.05
N ILE A 152 6.10 -4.12 -9.17
CA ILE A 152 6.81 -3.45 -8.09
C ILE A 152 5.96 -2.28 -7.62
N TYR A 153 5.42 -2.39 -6.41
CA TYR A 153 4.55 -1.37 -5.82
C TYR A 153 5.39 -0.17 -5.47
N ARG A 154 5.86 0.55 -6.49
CA ARG A 154 6.71 1.71 -6.27
C ARG A 154 6.10 2.77 -5.37
N ASP A 155 4.80 3.00 -5.48
CA ASP A 155 4.16 4.02 -4.66
C ASP A 155 3.53 3.50 -3.37
N LEU A 156 4.26 2.66 -2.65
CA LEU A 156 3.75 2.15 -1.39
C LEU A 156 3.85 3.25 -0.33
N LYS A 157 2.72 3.56 0.28
CA LYS A 157 2.64 4.56 1.34
C LYS A 157 1.21 4.49 1.86
N PRO A 158 0.95 5.01 3.08
CA PRO A 158 -0.41 4.96 3.64
C PRO A 158 -1.51 5.53 2.76
N GLU A 159 -1.17 6.51 1.91
CA GLU A 159 -2.17 7.09 1.04
C GLU A 159 -2.72 6.08 0.05
N ASN A 160 -1.92 5.07 -0.27
CA ASN A 160 -2.33 4.07 -1.23
C ASN A 160 -2.83 2.77 -0.64
N ILE A 161 -3.10 2.81 0.65
CA ILE A 161 -3.64 1.65 1.33
C ILE A 161 -5.04 2.07 1.79
N LEU A 162 -6.04 1.49 1.16
CA LEU A 162 -7.43 1.78 1.48
C LEU A 162 -8.00 0.77 2.45
N LEU A 163 -9.11 1.13 3.06
CA LEU A 163 -9.81 0.26 4.00
C LEU A 163 -11.23 0.07 3.50
N ASP A 164 -11.78 -1.14 3.61
CA ASP A 164 -13.15 -1.33 3.18
C ASP A 164 -14.03 -1.07 4.41
N GLU A 165 -15.33 -1.35 4.28
CA GLU A 165 -16.23 -1.13 5.39
C GLU A 165 -15.93 -2.01 6.60
N GLU A 166 -15.38 -3.20 6.34
CA GLU A 166 -15.03 -4.13 7.40
C GLU A 166 -13.78 -3.67 8.15
N GLY A 167 -12.93 -2.91 7.47
CA GLY A 167 -11.71 -2.44 8.09
C GLY A 167 -10.49 -3.12 7.49
N HIS A 168 -10.71 -4.05 6.57
CA HIS A 168 -9.59 -4.72 5.92
C HIS A 168 -8.98 -3.75 4.92
N ILE A 169 -7.71 -3.95 4.58
CA ILE A 169 -7.02 -3.04 3.69
C ILE A 169 -7.05 -3.52 2.25
N LYS A 170 -6.76 -2.61 1.34
CA LYS A 170 -6.71 -2.92 -0.07
C LYS A 170 -5.73 -1.98 -0.74
N LEU A 171 -4.73 -2.54 -1.41
CA LEU A 171 -3.73 -1.76 -2.10
C LEU A 171 -4.26 -1.21 -3.41
N THR A 172 -3.91 0.03 -3.69
CA THR A 172 -4.32 0.72 -4.91
C THR A 172 -3.10 1.40 -5.53
N ASP A 173 -3.27 1.89 -6.76
CA ASP A 173 -2.23 2.58 -7.51
C ASP A 173 -0.94 1.79 -7.68
N PHE A 174 -1.08 0.55 -8.13
CA PHE A 174 0.03 -0.36 -8.37
C PHE A 174 0.05 -0.60 -9.88
N GLY A 175 0.62 -1.72 -10.30
CA GLY A 175 0.63 -2.03 -11.72
C GLY A 175 1.93 -1.92 -12.49
N LEU A 176 2.63 -0.80 -12.35
CA LEU A 176 3.88 -0.62 -13.09
C LEU A 176 4.94 -1.66 -12.79
N SER A 177 5.51 -2.20 -13.86
CA SER A 177 6.55 -3.22 -13.75
C SER A 177 7.88 -2.57 -14.11
N LYS A 178 7.85 -1.72 -15.12
CA LYS A 178 9.06 -1.03 -15.58
C LYS A 178 9.01 0.44 -15.17
N GLU A 179 9.53 0.72 -13.98
CA GLU A 179 9.56 2.08 -13.45
C GLU A 179 10.29 3.04 -14.38
N GLY A 192 8.19 10.69 -7.00
CA GLY A 192 7.50 9.94 -5.95
C GLY A 192 7.75 10.48 -4.56
N THR A 193 7.05 9.94 -3.57
CA THR A 193 7.19 10.37 -2.18
C THR A 193 8.58 9.94 -1.69
N VAL A 194 9.47 10.92 -1.58
CA VAL A 194 10.85 10.67 -1.18
C VAL A 194 11.03 9.97 0.17
N GLU A 195 10.25 10.36 1.18
CA GLU A 195 10.37 9.74 2.50
C GLU A 195 10.21 8.22 2.46
N TYR A 196 9.58 7.71 1.41
CA TYR A 196 9.37 6.28 1.27
C TYR A 196 10.30 5.54 0.33
N MET A 197 11.22 6.26 -0.31
CA MET A 197 12.16 5.66 -1.24
C MET A 197 13.31 4.90 -0.61
N ALA A 198 13.55 3.69 -1.13
CA ALA A 198 14.66 2.88 -0.65
C ALA A 198 15.93 3.57 -1.13
N PRO A 199 17.05 3.34 -0.44
CA PRO A 199 18.31 3.96 -0.84
C PRO A 199 18.77 3.62 -2.26
N GLU A 200 18.54 2.38 -2.72
CA GLU A 200 18.97 2.06 -4.09
C GLU A 200 18.15 2.85 -5.10
N VAL A 201 16.94 3.24 -4.70
CA VAL A 201 16.08 4.03 -5.58
C VAL A 201 16.52 5.49 -5.57
N VAL A 202 16.90 5.99 -4.41
CA VAL A 202 17.36 7.36 -4.31
C VAL A 202 18.60 7.50 -5.18
N ASN A 203 19.47 6.51 -5.13
CA ASN A 203 20.69 6.54 -5.93
C ASN A 203 20.48 6.03 -7.36
N ARG A 204 19.26 5.59 -7.65
CA ARG A 204 18.92 5.07 -8.97
C ARG A 204 19.84 3.95 -9.42
N GLN A 205 20.24 3.10 -8.49
CA GLN A 205 21.11 1.97 -8.80
C GLN A 205 20.27 0.74 -9.10
N GLY A 206 18.96 0.94 -9.15
CA GLY A 206 18.03 -0.15 -9.40
C GLY A 206 16.73 0.09 -8.68
N HIS A 207 15.79 -0.83 -8.82
CA HIS A 207 14.49 -0.71 -8.16
C HIS A 207 13.71 -2.01 -8.27
N SER A 208 14.16 -3.04 -7.56
CA SER A 208 13.49 -4.33 -7.60
C SER A 208 12.44 -4.43 -6.48
N HIS A 209 12.02 -5.65 -6.21
CA HIS A 209 11.02 -5.90 -5.18
C HIS A 209 11.55 -5.47 -3.82
N SER A 210 12.86 -5.58 -3.63
CA SER A 210 13.48 -5.20 -2.35
C SER A 210 13.11 -3.78 -1.94
N ALA A 211 13.06 -2.89 -2.93
CA ALA A 211 12.71 -1.50 -2.70
C ALA A 211 11.38 -1.42 -1.96
N ASP A 212 10.43 -2.27 -2.35
CA ASP A 212 9.12 -2.27 -1.72
C ASP A 212 9.18 -2.63 -0.24
N TRP A 213 10.02 -3.60 0.12
CA TRP A 213 10.11 -4.01 1.51
C TRP A 213 10.72 -2.92 2.39
N TRP A 214 11.54 -2.06 1.79
CA TRP A 214 12.13 -0.97 2.54
C TRP A 214 10.97 -0.02 2.84
N SER A 215 10.20 0.30 1.80
CA SER A 215 9.06 1.18 1.93
C SER A 215 8.08 0.60 2.93
N TYR A 216 7.97 -0.72 2.94
CA TYR A 216 7.11 -1.44 3.85
C TYR A 216 7.62 -1.13 5.28
N GLY A 217 8.94 -1.10 5.40
CA GLY A 217 9.55 -0.77 6.68
C GLY A 217 9.20 0.66 7.08
N VAL A 218 9.23 1.57 6.13
CA VAL A 218 8.90 2.97 6.41
C VAL A 218 7.45 3.10 6.88
N LEU A 219 6.53 2.41 6.20
CA LEU A 219 5.11 2.44 6.57
C LEU A 219 4.95 1.97 8.01
N MET A 220 5.64 0.89 8.34
CA MET A 220 5.58 0.33 9.70
C MET A 220 6.04 1.35 10.72
N PHE A 221 7.19 1.97 10.45
CA PHE A 221 7.72 2.97 11.35
C PHE A 221 6.75 4.12 11.50
N GLU A 222 6.25 4.66 10.39
CA GLU A 222 5.33 5.79 10.46
C GLU A 222 4.03 5.47 11.21
N MET A 223 3.49 4.28 11.01
CA MET A 223 2.26 3.90 11.72
C MET A 223 2.53 3.69 13.21
N LEU A 224 3.70 3.18 13.54
CA LEU A 224 4.05 2.91 14.94
C LEU A 224 4.49 4.13 15.76
N THR A 225 5.09 5.12 15.10
CA THR A 225 5.59 6.27 15.81
C THR A 225 4.89 7.56 15.48
N GLY A 226 4.16 7.56 14.37
CA GLY A 226 3.49 8.77 13.93
C GLY A 226 4.47 9.62 13.13
N SER A 227 5.73 9.20 13.06
CA SER A 227 6.75 9.95 12.32
C SER A 227 7.49 9.13 11.27
N LEU A 228 8.16 9.81 10.35
CA LEU A 228 8.92 9.15 9.32
C LEU A 228 10.31 8.90 9.87
N PRO A 229 10.88 7.73 9.54
CA PRO A 229 12.22 7.42 10.04
C PRO A 229 13.30 8.34 9.48
N PHE A 230 13.16 8.76 8.22
CA PHE A 230 14.15 9.63 7.59
C PHE A 230 13.43 10.85 7.01
N GLN A 231 13.64 11.99 7.66
CA GLN A 231 13.00 13.26 7.30
C GLN A 231 14.03 14.38 7.36
N GLY A 232 14.19 15.11 6.27
CA GLY A 232 15.12 16.22 6.27
C GLY A 232 14.27 17.47 6.15
N LYS A 233 14.90 18.63 5.97
CA LYS A 233 14.16 19.88 5.85
C LYS A 233 13.60 20.01 4.45
N ASP A 234 14.17 19.23 3.54
CA ASP A 234 13.75 19.25 2.14
C ASP A 234 14.07 17.90 1.52
N ARG A 235 13.64 17.72 0.27
CA ARG A 235 13.87 16.47 -0.44
C ARG A 235 15.34 16.05 -0.44
N LYS A 236 16.22 16.98 -0.76
CA LYS A 236 17.64 16.70 -0.80
C LYS A 236 18.13 16.05 0.49
N GLU A 237 17.90 16.72 1.61
CA GLU A 237 18.35 16.22 2.88
C GLU A 237 17.71 14.89 3.25
N THR A 238 16.45 14.72 2.88
CA THR A 238 15.77 13.47 3.19
C THR A 238 16.47 12.33 2.45
N MET A 239 16.77 12.56 1.18
CA MET A 239 17.44 11.54 0.40
C MET A 239 18.78 11.22 1.00
N THR A 240 19.50 12.24 1.48
CA THR A 240 20.79 12.00 2.11
C THR A 240 20.63 11.21 3.41
N LEU A 241 19.58 11.52 4.18
CA LEU A 241 19.34 10.79 5.42
C LEU A 241 19.01 9.33 5.09
N ILE A 242 18.25 9.11 4.02
CA ILE A 242 17.92 7.75 3.64
C ILE A 242 19.21 7.00 3.32
N LEU A 243 20.10 7.63 2.56
CA LEU A 243 21.37 7.01 2.16
C LEU A 243 22.25 6.63 3.35
N LYS A 244 22.31 7.49 4.35
CA LYS A 244 23.13 7.16 5.50
C LYS A 244 22.44 6.05 6.26
N ALA A 245 21.11 6.01 6.17
CA ALA A 245 20.32 4.99 6.85
C ALA A 245 20.63 4.95 8.35
N LYS A 246 20.87 6.13 8.91
CA LYS A 246 21.16 6.32 10.33
C LYS A 246 19.81 6.38 11.04
N LEU A 247 19.50 5.38 11.87
CA LEU A 247 18.17 5.36 12.51
C LEU A 247 18.06 5.12 14.01
N GLY A 248 17.47 6.09 14.71
CA GLY A 248 17.26 5.96 16.14
C GLY A 248 15.97 5.22 16.41
N MET A 249 16.05 4.18 17.23
CA MET A 249 14.89 3.36 17.56
C MET A 249 14.12 3.84 18.78
N PRO A 250 12.90 4.36 18.59
CA PRO A 250 12.08 4.84 19.70
C PRO A 250 11.95 3.74 20.75
N GLN A 251 12.20 4.08 22.02
CA GLN A 251 12.17 3.10 23.11
C GLN A 251 10.82 2.47 23.46
N PHE A 252 9.72 3.06 23.02
CA PHE A 252 8.42 2.46 23.32
C PHE A 252 8.04 1.32 22.38
N LEU A 253 8.84 1.10 21.34
CA LEU A 253 8.57 0.03 20.40
C LEU A 253 9.01 -1.30 21.01
N SER A 254 8.23 -2.37 20.78
CA SER A 254 8.55 -3.69 21.31
C SER A 254 9.85 -4.16 20.68
N THR A 255 10.53 -5.13 21.30
CA THR A 255 11.79 -5.60 20.72
C THR A 255 11.52 -6.33 19.41
N GLU A 256 10.36 -6.94 19.29
CA GLU A 256 10.01 -7.64 18.06
C GLU A 256 9.86 -6.63 16.93
N ALA A 257 9.22 -5.50 17.22
CA ALA A 257 9.03 -4.48 16.21
C ALA A 257 10.36 -3.88 15.81
N GLN A 258 11.20 -3.62 16.80
CA GLN A 258 12.51 -3.04 16.55
C GLN A 258 13.37 -3.96 15.70
N SER A 259 13.29 -5.24 15.99
CA SER A 259 14.05 -6.24 15.26
C SER A 259 13.64 -6.19 13.78
N LEU A 260 12.33 -6.24 13.55
CA LEU A 260 11.79 -6.22 12.19
C LEU A 260 12.19 -4.96 11.41
N LEU A 261 12.13 -3.81 12.06
CA LEU A 261 12.49 -2.56 11.40
C LEU A 261 13.97 -2.55 11.00
N ARG A 262 14.81 -3.08 11.88
CA ARG A 262 16.25 -3.14 11.61
C ARG A 262 16.52 -4.05 10.41
N ALA A 263 15.77 -5.14 10.32
CA ALA A 263 15.93 -6.09 9.22
C ALA A 263 15.45 -5.49 7.91
N LEU A 264 14.41 -4.66 7.99
CA LEU A 264 13.88 -4.04 6.78
C LEU A 264 14.71 -2.88 6.33
N PHE A 265 15.32 -2.18 7.29
CA PHE A 265 16.13 -1.01 6.97
C PHE A 265 17.61 -1.29 6.72
N LYS A 266 17.88 -2.23 5.82
CA LYS A 266 19.24 -2.57 5.43
C LYS A 266 19.50 -1.78 4.16
N ARG A 267 20.54 -0.96 4.15
CA ARG A 267 20.88 -0.15 2.98
C ARG A 267 21.05 -1.02 1.74
N ASN A 268 21.80 -2.11 1.89
CA ASN A 268 22.05 -3.03 0.79
C ASN A 268 20.83 -3.91 0.59
N PRO A 269 20.14 -3.75 -0.55
CA PRO A 269 18.95 -4.54 -0.84
C PRO A 269 19.15 -6.05 -0.81
N ALA A 270 20.40 -6.49 -0.78
CA ALA A 270 20.69 -7.93 -0.75
C ALA A 270 20.65 -8.48 0.67
N ASN A 271 20.79 -7.61 1.66
CA ASN A 271 20.76 -8.05 3.05
C ASN A 271 19.42 -7.69 3.71
N ARG A 272 18.59 -7.00 2.96
CA ARG A 272 17.29 -6.57 3.47
C ARG A 272 16.34 -7.76 3.55
N LEU A 273 15.62 -7.85 4.66
CA LEU A 273 14.66 -8.92 4.86
C LEU A 273 13.75 -8.92 3.63
N GLY A 274 13.28 -10.09 3.22
CA GLY A 274 12.44 -10.17 2.06
C GLY A 274 13.27 -10.46 0.81
N SER A 275 14.59 -10.35 0.94
CA SER A 275 15.48 -10.60 -0.18
C SER A 275 15.78 -12.09 -0.37
N GLY A 276 14.80 -12.91 -0.08
CA GLY A 276 14.94 -14.35 -0.25
C GLY A 276 15.78 -15.07 0.77
N PRO A 277 16.10 -16.34 0.49
CA PRO A 277 15.63 -16.94 -0.75
C PRO A 277 14.14 -17.28 -0.64
N ASP A 278 13.64 -17.27 0.59
CA ASP A 278 12.24 -17.56 0.88
C ASP A 278 11.39 -16.29 0.73
N GLY A 279 11.97 -15.26 0.11
CA GLY A 279 11.26 -14.01 -0.09
C GLY A 279 10.36 -13.52 1.04
N ALA A 280 9.12 -13.19 0.69
CA ALA A 280 8.13 -12.70 1.64
C ALA A 280 7.98 -13.58 2.88
N GLU A 281 8.24 -14.87 2.75
CA GLU A 281 8.12 -15.78 3.88
C GLU A 281 9.11 -15.35 4.95
N GLU A 282 10.27 -14.92 4.48
CA GLU A 282 11.33 -14.45 5.36
C GLU A 282 10.78 -13.40 6.33
N ILE A 283 9.89 -12.57 5.81
CA ILE A 283 9.28 -11.51 6.59
C ILE A 283 8.07 -12.04 7.37
N LYS A 284 7.31 -12.94 6.75
CA LYS A 284 6.14 -13.52 7.42
C LYS A 284 6.54 -14.40 8.61
N ARG A 285 7.73 -14.99 8.55
CA ARG A 285 8.21 -15.86 9.63
C ARG A 285 8.91 -15.05 10.72
N HIS A 286 8.91 -13.73 10.60
CA HIS A 286 9.56 -12.91 11.62
C HIS A 286 8.80 -12.94 12.92
N VAL A 287 9.55 -12.95 14.01
CA VAL A 287 8.96 -13.00 15.34
C VAL A 287 7.85 -11.96 15.54
N PHE A 288 7.94 -10.83 14.85
CA PHE A 288 6.93 -9.78 14.98
C PHE A 288 5.53 -10.29 14.62
N TYR A 289 5.45 -11.25 13.70
CA TYR A 289 4.15 -11.79 13.30
C TYR A 289 3.85 -13.16 13.87
N SER A 290 4.53 -13.52 14.95
CA SER A 290 4.34 -14.84 15.56
C SER A 290 2.86 -15.20 15.75
N THR A 291 2.08 -14.26 16.27
CA THR A 291 0.66 -14.47 16.55
C THR A 291 -0.27 -14.27 15.36
N ILE A 292 0.27 -14.31 14.14
CA ILE A 292 -0.58 -14.12 12.97
C ILE A 292 -0.81 -15.40 12.18
N ASP A 293 -2.08 -15.76 12.03
CA ASP A 293 -2.44 -16.94 11.25
C ASP A 293 -2.67 -16.42 9.85
N TRP A 294 -1.71 -16.68 8.97
CA TRP A 294 -1.79 -16.22 7.59
C TRP A 294 -2.92 -16.82 6.79
N ASN A 295 -3.32 -18.03 7.16
CA ASN A 295 -4.41 -18.70 6.45
C ASN A 295 -5.70 -17.93 6.64
N LYS A 296 -6.06 -17.66 7.88
CA LYS A 296 -7.30 -16.94 8.11
C LYS A 296 -7.22 -15.46 7.76
N LEU A 297 -6.01 -14.89 7.85
CA LEU A 297 -5.83 -13.49 7.50
C LEU A 297 -6.24 -13.36 6.04
N TYR A 298 -5.70 -14.25 5.21
CA TYR A 298 -6.00 -14.26 3.79
C TYR A 298 -7.50 -14.39 3.56
N ARG A 299 -8.14 -15.26 4.32
CA ARG A 299 -9.59 -15.49 4.22
C ARG A 299 -10.40 -14.35 4.82
N ARG A 300 -9.72 -13.33 5.32
CA ARG A 300 -10.41 -12.22 5.95
C ARG A 300 -11.17 -12.69 7.19
N GLU A 301 -10.61 -13.70 7.86
CA GLU A 301 -11.25 -14.24 9.06
C GLU A 301 -10.80 -13.51 10.32
N ILE A 302 -9.70 -12.77 10.23
CA ILE A 302 -9.20 -12.03 11.39
C ILE A 302 -9.96 -10.72 11.53
N LYS A 303 -10.49 -10.45 12.71
CA LYS A 303 -11.24 -9.23 12.93
C LYS A 303 -10.38 -7.98 12.93
N PRO A 304 -10.67 -7.04 12.03
CA PRO A 304 -9.89 -5.80 11.96
C PRO A 304 -10.07 -5.05 13.27
N PRO A 305 -8.97 -4.50 13.80
CA PRO A 305 -8.97 -3.76 15.06
C PRO A 305 -9.80 -2.48 14.97
N PHE A 306 -9.82 -1.91 13.77
CA PHE A 306 -10.56 -0.68 13.51
C PHE A 306 -11.71 -0.94 12.56
N LYS A 307 -12.87 -0.38 12.87
CA LYS A 307 -14.06 -0.53 12.05
C LYS A 307 -14.62 0.84 11.71
N PRO A 308 -14.55 1.22 10.43
CA PRO A 308 -15.06 2.52 9.99
C PRO A 308 -16.58 2.52 9.85
#